data_4BSQ
#
_entry.id   4BSQ
#
_cell.length_a   74.340
_cell.length_b   66.790
_cell.length_c   53.730
_cell.angle_alpha   90.00
_cell.angle_beta   113.10
_cell.angle_gamma   90.00
#
_symmetry.space_group_name_H-M   'C 1 2 1'
#
loop_
_entity.id
_entity.type
_entity.pdbx_description
1 polymer 'CATHEPSIN S'
2 non-polymer (1R,2R,4R)-N-(2-azanylideneethyl)-2-morpholin-4-ylcarbonyl-4-(phenylsulfonyl)cyclopentane-1-carboxamide
3 non-polymer 'SULFATE ION'
4 water water
#
_entity_poly.entity_id   1
_entity_poly.type   'polypeptide(L)'
_entity_poly.pdbx_seq_one_letter_code
;RSYSNRTLPDTVDWREKGCVTEVKYQGSCGACWAFSAVGALEGQLKLKTGKLISLSAQNLVDCSNEEKYGNKGCGGGYMT
EAFQYIIDNGGIEADASYPYKAMDEKCHYNSKNRAATCSRYIQLPFGDEDALKEAVATKGPVSVGIDASHSSFFFYKSGV
YDDPSCTGNVNHGVLVVGYGTLDGKDYWLVKNSWGLNFGDQGYIRMARNNKNHCGIASYCSYPEI
;
_entity_poly.pdbx_strand_id   A
#
loop_
_chem_comp.id
_chem_comp.type
_chem_comp.name
_chem_comp.formula
QQV non-polymer (1R,2R,4R)-N-(2-azanylideneethyl)-2-morpholin-4-ylcarbonyl-4-(phenylsulfonyl)cyclopentane-1-carboxamide 'C19 H25 N3 O5 S'
SO4 non-polymer 'SULFATE ION' 'O4 S -2'
#
# COMPACT_ATOMS: atom_id res chain seq x y z
N THR A 7 -1.41 3.97 26.02
CA THR A 7 -1.52 5.08 25.04
C THR A 7 -0.80 4.69 23.76
N LEU A 8 -1.35 5.11 22.63
CA LEU A 8 -0.65 4.95 21.37
C LEU A 8 0.32 6.09 21.23
N PRO A 9 1.41 5.88 20.48
CA PRO A 9 2.34 6.99 20.27
C PRO A 9 1.68 8.12 19.47
N ASP A 10 2.13 9.35 19.68
CA ASP A 10 1.59 10.48 18.96
C ASP A 10 2.12 10.50 17.54
N THR A 11 3.23 9.82 17.30
CA THR A 11 3.83 9.82 15.99
C THR A 11 4.39 8.46 15.69
N VAL A 12 4.19 8.01 14.45
CA VAL A 12 4.66 6.72 13.97
C VAL A 12 5.23 6.94 12.58
N ASP A 13 6.40 6.33 12.33
CA ASP A 13 7.02 6.33 11.01
C ASP A 13 7.76 5.01 10.85
N TRP A 14 7.16 4.09 10.11
CA TRP A 14 7.76 2.76 9.92
C TRP A 14 9.04 2.81 9.10
N ARG A 15 9.28 3.91 8.39
CA ARG A 15 10.56 4.09 7.72
C ARG A 15 11.72 4.07 8.70
N GLU A 16 11.52 4.65 9.88
CA GLU A 16 12.55 4.75 10.90
C GLU A 16 12.87 3.42 11.56
N LYS A 17 12.00 2.42 11.38
CA LYS A 17 12.24 1.09 11.92
C LYS A 17 12.70 0.15 10.83
N GLY A 18 13.08 0.70 9.68
CA GLY A 18 13.56 -0.14 8.58
C GLY A 18 12.52 -1.08 8.02
N CYS A 19 11.24 -0.72 8.07
CA CYS A 19 10.15 -1.61 7.57
C CYS A 19 9.56 -1.22 6.23
N VAL A 20 10.14 -0.19 5.60
CA VAL A 20 9.64 0.34 4.32
C VAL A 20 10.75 0.33 3.26
N THR A 21 10.47 -0.32 2.15
CA THR A 21 11.39 -0.38 1.02
C THR A 21 11.36 0.93 0.28
N GLU A 22 12.27 1.01 -0.68
CA GLU A 22 12.37 2.13 -1.58
C GLU A 22 11.06 2.34 -2.36
N VAL A 23 10.78 3.60 -2.63
CA VAL A 23 9.63 4.03 -3.41
C VAL A 23 9.75 3.50 -4.81
N LYS A 24 8.68 2.91 -5.33
CA LYS A 24 8.71 2.33 -6.65
C LYS A 24 7.99 3.24 -7.67
N TYR A 25 8.11 2.86 -8.94
CA TYR A 25 7.51 3.60 -10.07
C TYR A 25 6.62 2.69 -10.91
N GLN A 26 5.31 2.88 -10.86
CA GLN A 26 4.40 1.91 -11.51
C GLN A 26 4.29 2.11 -13.02
N GLY A 27 4.67 3.29 -13.49
CA GLY A 27 4.64 3.60 -14.92
C GLY A 27 3.21 3.78 -15.37
N SER A 28 2.92 3.36 -16.61
N SER A 28 2.91 3.38 -16.59
CA SER A 28 1.58 3.51 -17.20
CA SER A 28 1.56 3.55 -17.12
C SER A 28 0.63 2.37 -16.85
C SER A 28 0.75 2.25 -17.02
N CYS A 29 1.06 1.43 -16.01
CA CYS A 29 0.29 0.22 -15.68
C CYS A 29 -0.39 0.50 -14.34
N GLY A 30 -1.71 0.31 -14.28
CA GLY A 30 -2.48 0.61 -13.08
C GLY A 30 -2.27 -0.42 -11.98
N ALA A 31 -1.07 -0.45 -11.42
CA ALA A 31 -0.67 -1.52 -10.51
C ALA A 31 -0.49 -1.00 -9.10
N CYS A 32 -1.05 0.17 -8.80
CA CYS A 32 -0.93 0.76 -7.47
C CYS A 32 -1.35 -0.22 -6.38
N TRP A 33 -2.43 -0.95 -6.65
CA TRP A 33 -2.97 -1.96 -5.74
C TRP A 33 -1.96 -3.06 -5.43
N ALA A 34 -1.17 -3.46 -6.41
CA ALA A 34 -0.13 -4.47 -6.21
C ALA A 34 1.06 -3.93 -5.41
N PHE A 35 1.44 -2.68 -5.66
CA PHE A 35 2.46 -2.04 -4.87
C PHE A 35 2.03 -1.82 -3.42
N SER A 36 0.78 -1.40 -3.23
CA SER A 36 0.23 -1.25 -1.89
C SER A 36 0.31 -2.57 -1.14
N ALA A 37 -0.12 -3.65 -1.80
CA ALA A 37 -0.15 -4.97 -1.17
C ALA A 37 1.23 -5.47 -0.81
N VAL A 38 2.17 -5.41 -1.76
CA VAL A 38 3.52 -5.84 -1.42
C VAL A 38 4.14 -4.97 -0.33
N GLY A 39 3.88 -3.67 -0.33
CA GLY A 39 4.45 -2.81 0.70
C GLY A 39 4.02 -3.26 2.07
N ALA A 40 2.76 -3.65 2.21
CA ALA A 40 2.22 -4.08 3.48
C ALA A 40 2.88 -5.37 3.93
N LEU A 41 3.07 -6.27 2.99
CA LEU A 41 3.65 -7.56 3.29
C LEU A 41 5.14 -7.41 3.63
N GLU A 42 5.81 -6.50 2.92
CA GLU A 42 7.23 -6.20 3.14
C GLU A 42 7.45 -5.76 4.58
N GLY A 43 6.52 -4.98 5.10
CA GLY A 43 6.62 -4.48 6.46
C GLY A 43 6.53 -5.64 7.42
N GLN A 44 5.60 -6.56 7.17
CA GLN A 44 5.43 -7.73 8.01
C GLN A 44 6.66 -8.65 7.94
N LEU A 45 7.18 -8.85 6.74
CA LEU A 45 8.32 -9.73 6.54
C LEU A 45 9.51 -9.22 7.37
N LYS A 46 9.75 -7.92 7.32
CA LYS A 46 10.78 -7.32 8.14
C LYS A 46 10.51 -7.52 9.62
N LEU A 47 9.27 -7.31 10.09
CA LEU A 47 8.96 -7.49 11.49
C LEU A 47 9.11 -8.92 11.95
N LYS A 48 8.83 -9.89 11.07
CA LYS A 48 8.99 -11.31 11.44
C LYS A 48 10.44 -11.82 11.34
N THR A 49 11.09 -11.54 10.21
CA THR A 49 12.41 -12.12 9.95
C THR A 49 13.58 -11.19 10.25
N GLY A 50 13.30 -9.90 10.41
CA GLY A 50 14.37 -8.90 10.54
C GLY A 50 15.04 -8.48 9.24
N LYS A 51 14.54 -8.97 8.11
CA LYS A 51 15.12 -8.66 6.80
C LYS A 51 14.14 -7.87 5.92
N LEU A 52 14.63 -6.79 5.31
CA LEU A 52 13.77 -5.95 4.48
C LEU A 52 14.03 -6.19 3.00
N ILE A 53 13.02 -6.65 2.26
CA ILE A 53 13.19 -7.05 0.88
C ILE A 53 11.98 -6.59 0.06
N SER A 54 12.23 -6.03 -1.12
CA SER A 54 11.16 -5.68 -2.05
C SER A 54 10.47 -6.92 -2.63
N LEU A 55 9.16 -6.99 -2.50
CA LEU A 55 8.45 -8.18 -2.96
C LEU A 55 7.84 -7.87 -4.34
N SER A 56 7.46 -8.92 -5.07
CA SER A 56 7.20 -8.77 -6.51
C SER A 56 5.79 -8.27 -6.82
N ALA A 57 5.64 -6.98 -7.11
CA ALA A 57 4.34 -6.47 -7.58
C ALA A 57 3.94 -7.15 -8.90
N GLN A 58 4.92 -7.49 -9.71
CA GLN A 58 4.65 -8.12 -11.00
C GLN A 58 3.98 -9.49 -10.86
N ASN A 59 4.43 -10.27 -9.88
CA ASN A 59 3.82 -11.56 -9.52
C ASN A 59 2.32 -11.43 -9.29
N LEU A 60 1.95 -10.37 -8.58
CA LEU A 60 0.52 -10.07 -8.35
C LEU A 60 -0.19 -9.68 -9.65
N VAL A 61 0.45 -8.81 -10.43
CA VAL A 61 -0.17 -8.30 -11.65
C VAL A 61 -0.42 -9.46 -12.63
N ASP A 62 0.60 -10.29 -12.81
CA ASP A 62 0.57 -11.40 -13.78
C ASP A 62 -0.32 -12.56 -13.40
N CYS A 63 -0.35 -12.90 -12.11
CA CYS A 63 -0.89 -14.18 -11.64
C CYS A 63 -2.26 -14.12 -10.96
N SER A 64 -2.71 -12.90 -10.63
CA SER A 64 -4.01 -12.76 -10.00
C SER A 64 -5.04 -12.15 -10.95
N ASN A 65 -4.68 -12.04 -12.24
CA ASN A 65 -5.52 -11.37 -13.22
C ASN A 65 -6.60 -12.33 -13.71
N GLU A 66 -7.62 -12.51 -12.91
CA GLU A 66 -8.70 -13.42 -13.26
C GLU A 66 -9.92 -13.16 -12.41
N GLU A 67 -11.07 -13.56 -12.90
CA GLU A 67 -12.34 -13.35 -12.19
C GLU A 67 -12.32 -13.94 -10.79
N LYS A 68 -11.59 -15.03 -10.59
CA LYS A 68 -11.44 -15.59 -9.23
C LYS A 68 -11.13 -14.50 -8.19
N TYR A 69 -10.24 -13.59 -8.56
CA TYR A 69 -9.75 -12.55 -7.65
C TYR A 69 -10.42 -11.22 -7.93
N GLY A 70 -10.89 -11.01 -9.15
CA GLY A 70 -11.44 -9.73 -9.53
C GLY A 70 -10.38 -8.66 -9.75
N ASN A 71 -9.12 -9.07 -9.78
CA ASN A 71 -8.02 -8.18 -10.14
C ASN A 71 -7.86 -8.23 -11.66
N LYS A 72 -7.33 -7.16 -12.23
CA LYS A 72 -7.26 -6.99 -13.69
C LYS A 72 -5.87 -6.59 -14.20
N GLY A 73 -4.84 -7.03 -13.48
CA GLY A 73 -3.47 -6.64 -13.81
C GLY A 73 -3.30 -5.14 -13.86
N CYS A 74 -2.93 -4.63 -15.04
CA CYS A 74 -2.69 -3.20 -15.22
C CYS A 74 -4.00 -2.41 -15.32
N GLY A 75 -5.11 -3.13 -15.40
CA GLY A 75 -6.42 -2.50 -15.36
C GLY A 75 -6.93 -2.20 -13.95
N GLY A 76 -6.14 -2.54 -12.92
CA GLY A 76 -6.57 -2.32 -11.55
C GLY A 76 -6.90 -3.59 -10.76
N GLY A 77 -7.06 -3.42 -9.45
CA GLY A 77 -7.26 -4.53 -8.55
C GLY A 77 -7.44 -4.09 -7.12
N TYR A 78 -7.46 -5.09 -6.25
CA TYR A 78 -7.79 -4.95 -4.85
C TYR A 78 -6.71 -5.55 -4.00
N MET A 79 -6.22 -4.79 -3.02
CA MET A 79 -5.16 -5.27 -2.11
C MET A 79 -5.52 -6.57 -1.35
N THR A 80 -6.75 -6.67 -0.84
CA THR A 80 -7.15 -7.86 -0.09
C THR A 80 -7.19 -9.10 -0.98
N GLU A 81 -7.58 -8.92 -2.24
CA GLU A 81 -7.54 -10.03 -3.22
C GLU A 81 -6.13 -10.38 -3.60
N ALA A 82 -5.22 -9.40 -3.60
CA ALA A 82 -3.81 -9.73 -3.73
C ALA A 82 -3.32 -10.64 -2.59
N PHE A 83 -3.66 -10.28 -1.35
CA PHE A 83 -3.36 -11.10 -0.20
C PHE A 83 -3.98 -12.49 -0.35
N GLN A 84 -5.25 -12.56 -0.78
CA GLN A 84 -5.86 -13.86 -0.99
C GLN A 84 -5.08 -14.69 -2.03
N TYR A 85 -4.64 -14.06 -3.11
CA TYR A 85 -3.84 -14.76 -4.13
C TYR A 85 -2.59 -15.35 -3.47
N ILE A 86 -1.90 -14.54 -2.68
CA ILE A 86 -0.71 -15.02 -2.01
C ILE A 86 -1.00 -16.21 -1.10
N ILE A 87 -2.09 -16.16 -0.35
CA ILE A 87 -2.53 -17.28 0.48
C ILE A 87 -2.80 -18.53 -0.37
N ASP A 88 -3.67 -18.40 -1.37
CA ASP A 88 -3.99 -19.49 -2.28
C ASP A 88 -2.75 -20.06 -2.96
N ASN A 89 -1.84 -19.19 -3.33
CA ASN A 89 -0.66 -19.58 -4.10
C ASN A 89 0.46 -20.19 -3.26
N GLY A 90 0.40 -20.03 -1.93
CA GLY A 90 1.45 -20.48 -1.04
C GLY A 90 2.72 -19.65 -1.10
N GLY A 91 2.67 -18.45 -1.66
CA GLY A 91 3.83 -17.58 -1.64
C GLY A 91 3.89 -16.49 -2.71
N ILE A 92 4.96 -15.73 -2.65
CA ILE A 92 5.22 -14.67 -3.59
C ILE A 92 6.72 -14.56 -3.67
N GLU A 93 7.23 -14.19 -4.85
CA GLU A 93 8.65 -13.99 -5.07
C GLU A 93 9.06 -12.58 -4.70
N ALA A 94 10.36 -12.41 -4.52
CA ALA A 94 10.93 -11.10 -4.38
C ALA A 94 11.00 -10.40 -5.74
N ASP A 95 11.10 -9.09 -5.68
CA ASP A 95 11.25 -8.28 -6.88
C ASP A 95 12.51 -8.65 -7.65
N ALA A 96 13.55 -9.07 -6.94
CA ALA A 96 14.79 -9.52 -7.57
C ALA A 96 14.56 -10.69 -8.54
N SER A 97 13.85 -11.72 -8.14
CA SER A 97 13.62 -12.85 -9.04
C SER A 97 12.44 -12.67 -9.99
N TYR A 98 11.56 -11.71 -9.72
CA TYR A 98 10.34 -11.48 -10.52
C TYR A 98 10.17 -9.96 -10.66
N PRO A 99 10.95 -9.36 -11.56
CA PRO A 99 11.01 -7.91 -11.64
C PRO A 99 9.81 -7.25 -12.32
N TYR A 100 9.61 -5.98 -12.02
CA TYR A 100 8.47 -5.23 -12.51
C TYR A 100 8.61 -4.79 -13.97
N LYS A 101 7.67 -5.19 -14.82
CA LYS A 101 7.70 -4.84 -16.24
C LYS A 101 6.66 -3.78 -16.65
N ALA A 102 5.75 -3.39 -15.75
CA ALA A 102 4.65 -2.47 -16.09
C ALA A 102 3.83 -2.96 -17.30
N MET A 103 3.63 -4.27 -17.40
CA MET A 103 2.78 -4.85 -18.43
C MET A 103 2.15 -6.13 -17.89
N ASP A 104 0.96 -6.45 -18.39
CA ASP A 104 0.34 -7.74 -18.12
C ASP A 104 1.10 -8.84 -18.87
N GLU A 105 1.60 -9.83 -18.14
CA GLU A 105 2.34 -10.93 -18.74
C GLU A 105 1.86 -12.26 -18.25
N LYS A 106 2.33 -13.34 -18.87
CA LYS A 106 1.99 -14.68 -18.43
C LYS A 106 2.59 -14.90 -17.03
N CYS A 107 1.86 -15.60 -16.17
CA CYS A 107 2.36 -15.89 -14.82
C CYS A 107 3.52 -16.83 -14.91
N HIS A 108 4.66 -16.44 -14.34
CA HIS A 108 5.78 -17.36 -14.17
C HIS A 108 6.31 -17.36 -12.74
N TYR A 109 5.39 -17.44 -11.78
CA TYR A 109 5.76 -17.71 -10.41
C TYR A 109 6.49 -19.05 -10.33
N ASN A 110 7.49 -19.12 -9.48
CA ASN A 110 8.18 -20.37 -9.19
C ASN A 110 8.41 -20.54 -7.69
N SER A 111 7.85 -21.59 -7.10
CA SER A 111 7.92 -21.81 -5.64
C SER A 111 9.34 -21.87 -5.07
N LYS A 112 10.31 -22.16 -5.92
CA LYS A 112 11.70 -22.19 -5.51
C LYS A 112 12.30 -20.81 -5.26
N ASN A 113 11.63 -19.77 -5.75
CA ASN A 113 12.03 -18.39 -5.42
C ASN A 113 11.07 -17.70 -4.46
N ARG A 114 10.17 -18.47 -3.85
CA ARG A 114 9.32 -17.94 -2.77
C ARG A 114 10.15 -17.13 -1.79
N ALA A 115 9.68 -15.91 -1.48
CA ALA A 115 10.39 -14.98 -0.57
C ALA A 115 9.54 -14.53 0.62
N ALA A 116 8.23 -14.75 0.52
CA ALA A 116 7.32 -14.41 1.58
C ALA A 116 6.05 -15.21 1.38
N THR A 117 5.30 -15.34 2.47
CA THR A 117 4.04 -16.07 2.49
C THR A 117 3.00 -15.17 3.14
N CYS A 118 1.73 -15.53 2.97
CA CYS A 118 0.66 -14.90 3.71
C CYS A 118 -0.29 -15.98 4.22
N SER A 119 -0.64 -15.93 5.49
CA SER A 119 -1.54 -16.94 6.07
C SER A 119 -2.97 -16.44 6.14
N ARG A 120 -3.11 -15.14 6.38
CA ARG A 120 -4.39 -14.51 6.53
C ARG A 120 -4.23 -13.01 6.35
N TYR A 121 -5.34 -12.31 6.19
CA TYR A 121 -5.28 -10.86 6.22
C TYR A 121 -6.42 -10.30 7.03
N ILE A 122 -6.28 -9.03 7.40
CA ILE A 122 -7.22 -8.36 8.31
C ILE A 122 -7.67 -7.09 7.62
N GLN A 123 -8.99 -6.86 7.63
CA GLN A 123 -9.55 -5.59 7.21
C GLN A 123 -10.03 -4.81 8.41
N LEU A 124 -9.91 -3.49 8.33
CA LEU A 124 -10.32 -2.61 9.43
C LEU A 124 -11.68 -2.07 9.10
N PRO A 125 -12.42 -1.61 10.13
CA PRO A 125 -13.79 -1.17 9.89
C PRO A 125 -13.82 0.06 8.97
N PHE A 126 -14.80 0.08 8.09
CA PHE A 126 -14.97 1.15 7.12
C PHE A 126 -15.06 2.52 7.80
N GLY A 127 -14.22 3.46 7.37
CA GLY A 127 -14.25 4.85 7.85
C GLY A 127 -13.72 5.09 9.25
N ASP A 128 -13.05 4.09 9.84
CA ASP A 128 -12.66 4.22 11.24
C ASP A 128 -11.19 4.65 11.36
N GLU A 129 -10.98 5.96 11.46
CA GLU A 129 -9.62 6.48 11.56
C GLU A 129 -8.94 6.07 12.85
N ASP A 130 -9.72 5.86 13.92
CA ASP A 130 -9.14 5.40 15.20
C ASP A 130 -8.60 3.95 15.05
N ALA A 131 -9.36 3.11 14.39
CA ALA A 131 -8.89 1.77 14.09
C ALA A 131 -7.66 1.76 13.16
N LEU A 132 -7.64 2.64 12.16
CA LEU A 132 -6.43 2.73 11.30
C LEU A 132 -5.22 3.18 12.09
N LYS A 133 -5.39 4.13 13.01
CA LYS A 133 -4.28 4.59 13.87
C LYS A 133 -3.73 3.43 14.70
N GLU A 134 -4.62 2.67 15.32
CA GLU A 134 -4.19 1.55 16.13
C GLU A 134 -3.40 0.52 15.31
N ALA A 135 -3.90 0.17 14.13
CA ALA A 135 -3.23 -0.82 13.30
C ALA A 135 -1.87 -0.31 12.91
N VAL A 136 -1.81 0.95 12.48
CA VAL A 136 -0.55 1.51 12.04
C VAL A 136 0.47 1.55 13.20
N ALA A 137 0.04 1.91 14.38
CA ALA A 137 0.91 1.92 15.55
C ALA A 137 1.30 0.53 16.03
N THR A 138 0.37 -0.42 15.98
CA THR A 138 0.62 -1.72 16.61
C THR A 138 0.90 -2.90 15.67
N LYS A 139 0.50 -2.78 14.40
CA LYS A 139 0.67 -3.89 13.47
C LYS A 139 1.73 -3.63 12.43
N GLY A 140 1.70 -2.45 11.82
CA GLY A 140 2.65 -2.12 10.75
C GLY A 140 1.99 -1.29 9.67
N PRO A 141 2.70 -1.08 8.54
CA PRO A 141 2.11 -0.41 7.40
C PRO A 141 0.81 -1.08 6.95
N VAL A 142 -0.18 -0.24 6.63
CA VAL A 142 -1.51 -0.69 6.24
C VAL A 142 -1.78 -0.24 4.79
N SER A 143 -2.26 -1.18 3.97
CA SER A 143 -2.78 -0.89 2.63
C SER A 143 -4.12 -0.14 2.72
N VAL A 144 -4.24 0.97 2.01
CA VAL A 144 -5.50 1.71 2.00
C VAL A 144 -5.87 2.16 0.60
N GLY A 145 -7.15 2.37 0.37
CA GLY A 145 -7.60 3.03 -0.84
C GLY A 145 -7.87 4.49 -0.54
N ILE A 146 -7.53 5.34 -1.49
CA ILE A 146 -7.84 6.75 -1.42
C ILE A 146 -8.42 7.25 -2.73
N ASP A 147 -9.11 8.38 -2.62
CA ASP A 147 -9.49 9.17 -3.78
C ASP A 147 -8.33 10.07 -4.15
N ALA A 148 -7.59 9.64 -5.18
CA ALA A 148 -6.46 10.37 -5.69
C ALA A 148 -6.72 10.82 -7.14
N SER A 149 -7.96 11.23 -7.41
CA SER A 149 -8.45 11.51 -8.75
C SER A 149 -8.38 13.02 -9.07
N HIS A 150 -7.94 13.83 -8.11
CA HIS A 150 -7.94 15.27 -8.26
C HIS A 150 -6.55 15.77 -8.58
N SER A 151 -6.47 16.79 -9.43
CA SER A 151 -5.16 17.27 -9.91
C SER A 151 -4.30 17.79 -8.77
N SER A 152 -4.94 18.34 -7.75
CA SER A 152 -4.27 18.83 -6.55
C SER A 152 -3.41 17.75 -5.84
N PHE A 153 -3.82 16.48 -5.94
CA PHE A 153 -3.05 15.38 -5.36
C PHE A 153 -1.62 15.36 -5.93
N PHE A 154 -1.51 15.65 -7.23
CA PHE A 154 -0.24 15.67 -7.95
C PHE A 154 0.49 17.04 -7.95
N PHE A 155 -0.19 18.12 -7.59
CA PHE A 155 0.44 19.41 -7.36
C PHE A 155 1.10 19.45 -5.97
N TYR A 156 0.58 18.64 -5.04
CA TYR A 156 1.10 18.57 -3.68
C TYR A 156 2.61 18.41 -3.65
N LYS A 157 3.27 19.18 -2.78
CA LYS A 157 4.72 19.07 -2.60
C LYS A 157 5.14 18.94 -1.14
N SER A 158 4.42 19.59 -0.24
CA SER A 158 4.75 19.50 1.16
C SER A 158 3.58 19.94 2.01
N GLY A 159 3.74 19.84 3.33
CA GLY A 159 2.62 20.15 4.24
C GLY A 159 1.65 18.97 4.29
N VAL A 160 0.36 19.26 4.49
CA VAL A 160 -0.68 18.22 4.63
C VAL A 160 -1.78 18.42 3.59
N TYR A 161 -1.96 17.42 2.75
CA TYR A 161 -2.98 17.46 1.72
C TYR A 161 -4.35 17.35 2.34
N ASP A 162 -5.16 18.39 2.10
CA ASP A 162 -6.54 18.46 2.58
C ASP A 162 -7.41 19.21 1.56
N ASP A 163 -7.45 18.73 0.33
CA ASP A 163 -8.27 19.31 -0.71
C ASP A 163 -9.78 19.10 -0.45
N PRO A 164 -10.55 20.17 -0.30
CA PRO A 164 -11.99 19.98 -0.15
C PRO A 164 -12.71 19.29 -1.33
N SER A 165 -12.13 19.25 -2.51
CA SER A 165 -12.75 18.51 -3.62
C SER A 165 -12.66 16.98 -3.47
N CYS A 166 -11.89 16.50 -2.49
CA CYS A 166 -11.71 15.06 -2.32
C CYS A 166 -13.04 14.42 -1.90
N THR A 167 -13.28 13.19 -2.31
CA THR A 167 -14.50 12.47 -1.94
C THR A 167 -14.17 11.18 -1.22
N GLY A 168 -15.20 10.47 -0.78
CA GLY A 168 -15.05 9.17 -0.19
C GLY A 168 -14.96 8.03 -1.19
N ASN A 169 -15.03 8.36 -2.48
CA ASN A 169 -15.09 7.35 -3.55
C ASN A 169 -13.67 6.99 -3.97
N VAL A 170 -13.14 5.91 -3.41
CA VAL A 170 -11.70 5.62 -3.57
C VAL A 170 -11.39 5.01 -4.94
N ASN A 171 -10.17 5.22 -5.42
CA ASN A 171 -9.76 4.76 -6.76
C ASN A 171 -8.30 4.35 -6.88
N HIS A 172 -7.52 4.51 -5.81
CA HIS A 172 -6.12 4.18 -5.85
C HIS A 172 -5.66 3.54 -4.54
N GLY A 173 -4.82 2.50 -4.67
CA GLY A 173 -4.26 1.79 -3.55
C GLY A 173 -2.92 2.38 -3.19
N VAL A 174 -2.72 2.67 -1.90
CA VAL A 174 -1.47 3.24 -1.39
C VAL A 174 -1.15 2.59 -0.06
N LEU A 175 -0.02 2.97 0.54
CA LEU A 175 0.42 2.41 1.81
C LEU A 175 0.61 3.48 2.86
N VAL A 176 -0.06 3.27 3.99
CA VAL A 176 0.11 4.15 5.12
C VAL A 176 1.23 3.59 5.97
N VAL A 177 2.31 4.33 6.05
CA VAL A 177 3.46 3.89 6.81
C VAL A 177 3.66 4.66 8.10
N GLY A 178 2.72 5.53 8.44
CA GLY A 178 2.84 6.24 9.69
C GLY A 178 1.80 7.32 9.84
N TYR A 179 1.92 8.10 10.91
CA TYR A 179 1.05 9.24 11.15
C TYR A 179 1.69 10.21 12.12
N GLY A 180 1.04 11.35 12.30
CA GLY A 180 1.50 12.31 13.26
C GLY A 180 0.75 13.60 13.11
N THR A 181 1.37 14.69 13.52
CA THR A 181 0.78 16.02 13.43
C THR A 181 1.84 17.00 12.95
N LEU A 182 1.59 17.68 11.85
CA LEU A 182 2.56 18.64 11.26
C LEU A 182 2.02 20.07 11.32
N ASP A 183 2.69 20.93 12.08
CA ASP A 183 2.23 22.32 12.27
C ASP A 183 0.79 22.42 12.67
N GLY A 184 0.39 21.59 13.62
CA GLY A 184 -0.96 21.55 14.14
C GLY A 184 -2.01 20.76 13.34
N LYS A 185 -1.60 20.13 12.23
CA LYS A 185 -2.55 19.41 11.38
C LYS A 185 -2.24 17.89 11.42
N ASP A 186 -3.22 17.07 11.80
CA ASP A 186 -3.03 15.62 11.90
C ASP A 186 -2.89 15.11 10.50
N TYR A 187 -2.02 14.13 10.29
CA TYR A 187 -1.82 13.54 8.97
C TYR A 187 -1.55 12.03 9.04
N TRP A 188 -1.74 11.41 7.87
CA TRP A 188 -1.34 10.04 7.55
C TRP A 188 -0.15 10.13 6.61
N LEU A 189 0.87 9.36 6.88
CA LEU A 189 2.04 9.33 6.04
C LEU A 189 1.89 8.22 5.03
N VAL A 190 1.81 8.62 3.77
CA VAL A 190 1.44 7.73 2.68
C VAL A 190 2.57 7.54 1.69
N LYS A 191 2.94 6.28 1.48
CA LYS A 191 3.88 5.89 0.42
C LYS A 191 3.09 5.60 -0.86
N ASN A 192 3.41 6.33 -1.95
CA ASN A 192 2.79 6.07 -3.24
C ASN A 192 3.74 5.25 -4.08
N SER A 193 3.34 4.92 -5.31
CA SER A 193 4.15 4.15 -6.22
C SER A 193 4.30 4.90 -7.54
N TRP A 194 4.56 6.20 -7.46
CA TRP A 194 4.79 7.02 -8.64
C TRP A 194 6.23 7.57 -8.70
N GLY A 195 7.20 6.87 -8.11
CA GLY A 195 8.60 7.36 -8.10
C GLY A 195 8.88 8.46 -7.10
N LEU A 196 10.16 8.83 -6.96
CA LEU A 196 10.54 9.84 -5.96
C LEU A 196 10.11 11.26 -6.30
N ASN A 197 9.73 11.48 -7.55
CA ASN A 197 9.37 12.83 -7.96
C ASN A 197 7.93 13.16 -7.66
N PHE A 198 7.15 12.13 -7.32
CA PHE A 198 5.83 12.36 -6.73
C PHE A 198 5.94 12.93 -5.33
N GLY A 199 5.05 13.85 -5.02
CA GLY A 199 4.86 14.30 -3.66
C GLY A 199 6.16 14.79 -3.06
N ASP A 200 6.47 14.29 -1.87
CA ASP A 200 7.68 14.64 -1.11
C ASP A 200 8.56 13.38 -1.06
N GLN A 201 9.45 13.23 -2.05
CA GLN A 201 10.22 12.00 -2.25
C GLN A 201 9.37 10.71 -2.31
N GLY A 202 8.23 10.78 -2.98
CA GLY A 202 7.38 9.62 -3.19
C GLY A 202 6.28 9.49 -2.16
N TYR A 203 6.26 10.40 -1.19
CA TYR A 203 5.33 10.38 -0.08
C TYR A 203 4.42 11.60 -0.10
N ILE A 204 3.25 11.41 0.50
CA ILE A 204 2.28 12.49 0.69
C ILE A 204 1.71 12.35 2.11
N ARG A 205 1.58 13.47 2.83
CA ARG A 205 0.90 13.51 4.09
C ARG A 205 -0.53 13.89 3.78
N MET A 206 -1.48 13.06 4.18
CA MET A 206 -2.89 13.31 3.94
C MET A 206 -3.60 13.56 5.23
N ALA A 207 -4.59 14.43 5.18
CA ALA A 207 -5.33 14.82 6.36
C ALA A 207 -5.93 13.64 7.17
N ARG A 208 -5.68 13.67 8.48
CA ARG A 208 -6.14 12.64 9.41
C ARG A 208 -7.11 13.27 10.37
N ASN A 209 -8.14 12.51 10.71
CA ASN A 209 -9.20 12.93 11.59
C ASN A 209 -10.11 14.03 11.01
N ASN A 210 -10.12 14.19 9.68
CA ASN A 210 -11.00 15.10 9.02
C ASN A 210 -12.07 14.31 8.31
N LYS A 211 -12.80 13.53 9.09
CA LYS A 211 -14.01 12.86 8.62
C LYS A 211 -13.72 11.97 7.43
N ASN A 212 -12.73 11.10 7.60
CA ASN A 212 -12.37 10.13 6.59
C ASN A 212 -12.08 10.80 5.27
N HIS A 213 -11.13 11.74 5.30
CA HIS A 213 -10.85 12.56 4.13
C HIS A 213 -10.23 11.69 3.02
N CYS A 214 -10.70 11.90 1.79
CA CYS A 214 -10.32 11.11 0.62
C CYS A 214 -10.62 9.62 0.76
N GLY A 215 -11.46 9.29 1.73
CA GLY A 215 -11.81 7.91 2.03
C GLY A 215 -10.66 7.05 2.47
N ILE A 216 -9.67 7.68 3.10
CA ILE A 216 -8.44 6.96 3.45
C ILE A 216 -8.68 5.79 4.41
N ALA A 217 -9.71 5.88 5.25
CA ALA A 217 -10.04 4.78 6.18
C ALA A 217 -11.13 3.83 5.65
N SER A 218 -11.51 3.98 4.39
CA SER A 218 -12.65 3.26 3.83
C SER A 218 -12.33 1.80 3.46
N TYR A 219 -11.08 1.49 3.10
CA TYR A 219 -10.70 0.13 2.64
C TYR A 219 -9.28 -0.20 3.09
N CYS A 220 -9.14 -0.41 4.38
CA CYS A 220 -7.86 -0.61 5.01
C CYS A 220 -7.63 -2.08 5.23
N SER A 221 -6.43 -2.55 4.93
CA SER A 221 -6.11 -3.96 5.21
C SER A 221 -4.64 -4.17 5.48
N TYR A 222 -4.33 -5.29 6.12
CA TYR A 222 -2.94 -5.72 6.20
C TYR A 222 -2.86 -7.25 6.32
N PRO A 223 -1.78 -7.81 5.80
CA PRO A 223 -1.60 -9.22 5.80
C PRO A 223 -0.89 -9.71 7.05
N GLU A 224 -1.05 -10.98 7.35
CA GLU A 224 -0.30 -11.58 8.40
C GLU A 224 0.52 -12.75 7.82
N ILE A 225 1.80 -12.76 8.15
CA ILE A 225 2.69 -13.83 7.73
C ILE A 225 2.43 -14.97 8.69
O12 QQV B . -9.66 2.14 -5.06
S1 QQV B . -9.53 0.83 -4.42
O11 QQV B . -8.52 0.81 -3.35
C13 QQV B . -11.15 0.19 -3.97
C24 QQV B . -11.32 -0.74 -2.93
C27 QQV B . -12.60 -1.21 -2.58
C28 QQV B . -13.75 -0.77 -3.27
C26 QQV B . -13.60 0.17 -4.31
C25 QQV B . -12.32 0.64 -4.65
C4 QQV B . -8.90 -0.26 -5.66
C7 QQV B . -7.60 0.33 -6.24
C6 QQV B . -9.92 -0.45 -6.79
C2 QQV B . -9.03 -0.45 -8.04
C5 QQV B . -7.95 0.59 -7.70
C9 QQV B . -6.78 0.56 -8.65
N17 QQV B . -6.39 1.75 -9.22
C21 QQV B . -5.29 1.86 -10.21
C14 QQV B . -4.00 2.09 -9.48
N10 QQV B . -2.89 2.47 -10.02
O16 QQV B . -6.18 -0.48 -8.98
C3 QQV B . -9.78 -0.25 -9.35
O15 QQV B . -9.72 0.82 -9.96
N8 QQV B . -10.53 -1.29 -9.90
C19 QQV B . -10.53 -2.66 -9.34
C23 QQV B . -10.47 -3.67 -10.50
O18 QQV B . -11.53 -3.39 -11.44
C22 QQV B . -11.48 -2.08 -12.02
C20 QQV B . -11.58 -1.01 -10.92
S SO4 C . -5.57 11.27 17.94
O1 SO4 C . -5.50 10.13 18.87
O2 SO4 C . -6.74 11.07 17.04
O3 SO4 C . -5.73 12.55 18.69
O4 SO4 C . -4.31 11.31 17.19
S SO4 D . -10.91 -15.72 -16.02
O1 SO4 D . -11.20 -16.57 -14.84
O2 SO4 D . -11.94 -16.00 -17.03
O3 SO4 D . -10.97 -14.30 -15.66
O4 SO4 D . -9.56 -16.02 -16.55
S SO4 E . -15.76 -6.61 -12.91
O1 SO4 E . -16.24 -5.64 -11.89
O2 SO4 E . -16.82 -7.58 -13.24
O3 SO4 E . -15.41 -5.87 -14.14
O4 SO4 E . -14.57 -7.35 -12.42
S SO4 F . -8.39 -19.33 3.53
O1 SO4 F . -7.46 -20.46 3.77
O2 SO4 F . -9.78 -19.83 3.57
O3 SO4 F . -8.16 -18.28 4.54
O4 SO4 F . -8.06 -18.76 2.20
#